data_3Q82
#
_entry.id   3Q82
#
_cell.length_a   46.801
_cell.length_b   108.087
_cell.length_c   56.451
_cell.angle_alpha   90.00
_cell.angle_beta   108.98
_cell.angle_gamma   90.00
#
_symmetry.space_group_name_H-M   'P 1 21 1'
#
loop_
_entity.id
_entity.type
_entity.pdbx_description
1 polymer 'Beta-lactamase regulatory protein BlaR1'
2 non-polymer '(4R,5S)-3-{[(3S,5S)-5-(dimethylcarbamoyl)pyrrolidin-3-yl]sulfanyl}-5-[(2S,3R)-3-hydroxy-1-oxobutan-2-yl]-4-methyl-4,5-d ihydro-1H-pyrrole-2-carboxylic acid'
3 non-polymer GLYCEROL
4 water water
#
_entity_poly.entity_id   1
_entity_poly.type   'polypeptide(L)'
_entity_poly.pdbx_seq_one_letter_code
;QSITDYNYKKPLHNDYQILDKSKIFGSNSGSFVMYSMAADAYYIYNEKESRKRYSPNSTYKIYLAMFGLDRHIINDENSR
MSWNHKHYPFDAWNKEQDLNTAMQNSVNWYFERISDQIPKNYTATQLKQLNYGNKNLGSYKSYWMEDSLKISNLEQVIVF
KNMMEQNNHFSKKAKNQLSSSLLIKKNEKYELYGKTGTGIVNGKYNNGWFVGYVITNHDKYYFATHLSDGKPSGKNAELI
SEKILKEMGVLN
;
_entity_poly.pdbx_strand_id   A,B
#
loop_
_chem_comp.id
_chem_comp.type
_chem_comp.name
_chem_comp.formula
GOL non-polymer GLYCEROL 'C3 H8 O3'
MER non-polymer '(4R,5S)-3-{[(3S,5S)-5-(dimethylcarbamoyl)pyrrolidin-3-yl]sulfanyl}-5-[(2S,3R)-3-hydroxy-1-oxobutan-2-yl]-4-methyl-4,5-d ihydro-1H-pyrrole-2-carboxylic acid' 'C17 H27 N3 O5 S'
#
# COMPACT_ATOMS: atom_id res chain seq x y z
N GLN A 1 -7.21 -4.19 -37.77
CA GLN A 1 -8.20 -3.56 -38.69
C GLN A 1 -7.53 -2.93 -39.94
N SER A 2 -6.75 -1.87 -39.74
CA SER A 2 -5.93 -1.37 -40.84
C SER A 2 -4.61 -2.17 -40.90
N ILE A 3 -3.72 -1.75 -41.80
CA ILE A 3 -2.46 -2.45 -42.09
C ILE A 3 -1.45 -2.47 -40.93
N THR A 4 -1.60 -1.52 -40.02
CA THR A 4 -0.68 -1.33 -38.89
C THR A 4 -1.32 -1.59 -37.52
N ASP A 5 -2.48 -2.24 -37.50
CA ASP A 5 -3.13 -2.52 -36.22
C ASP A 5 -2.66 -3.76 -35.48
N TYR A 6 -1.73 -4.50 -36.07
CA TYR A 6 -1.33 -5.73 -35.43
C TYR A 6 0.13 -5.73 -35.03
N ASN A 7 0.80 -4.60 -35.25
CA ASN A 7 2.25 -4.52 -35.01
C ASN A 7 2.68 -3.08 -34.75
N TYR A 8 3.66 -2.94 -33.87
CA TYR A 8 4.17 -1.62 -33.46
C TYR A 8 5.54 -1.46 -34.08
N LYS A 9 5.74 -0.41 -34.86
CA LYS A 9 6.96 -0.37 -35.66
C LYS A 9 7.89 0.78 -35.36
N LYS A 10 7.49 1.65 -34.43
CA LYS A 10 8.29 2.83 -34.06
C LYS A 10 9.60 2.37 -33.43
N PRO A 11 10.73 2.88 -33.96
CA PRO A 11 12.05 2.57 -33.43
C PRO A 11 12.18 2.98 -31.99
N LEU A 12 12.84 2.13 -31.20
CA LEU A 12 13.23 2.51 -29.85
C LEU A 12 14.39 3.49 -30.01
N HIS A 13 14.25 4.70 -29.46
CA HIS A 13 15.36 5.63 -29.52
C HIS A 13 16.18 5.53 -28.22
N ASN A 14 16.14 4.38 -27.56
CA ASN A 14 16.78 4.22 -26.27
C ASN A 14 17.82 3.12 -26.36
N ASP A 15 18.72 3.07 -25.38
CA ASP A 15 19.57 1.92 -25.14
C ASP A 15 18.70 0.71 -24.87
N TYR A 16 19.10 -0.43 -25.43
CA TYR A 16 18.37 -1.68 -25.18
C TYR A 16 19.31 -2.91 -25.15
N GLN A 17 18.93 -3.90 -24.36
CA GLN A 17 19.65 -5.15 -24.23
C GLN A 17 18.68 -6.28 -24.58
N ILE A 18 19.13 -7.21 -25.41
CA ILE A 18 18.34 -8.38 -25.76
C ILE A 18 18.58 -9.47 -24.70
N LEU A 19 17.50 -10.05 -24.17
CA LEU A 19 17.56 -11.10 -23.16
C LEU A 19 17.31 -12.48 -23.74
N ASP A 20 17.81 -13.51 -23.06
CA ASP A 20 17.45 -14.88 -23.35
C ASP A 20 16.76 -15.45 -22.10
N LYS A 21 15.44 -15.49 -22.13
CA LYS A 21 14.65 -15.99 -21.01
C LYS A 21 13.83 -17.24 -21.39
N SER A 22 14.28 -17.91 -22.44
CA SER A 22 13.57 -19.02 -23.07
C SER A 22 13.35 -20.26 -22.22
N LYS A 23 14.29 -20.54 -21.30
CA LYS A 23 14.13 -21.68 -20.40
C LYS A 23 13.04 -21.44 -19.34
N ILE A 24 12.87 -20.19 -18.94
CA ILE A 24 11.82 -19.78 -18.00
C ILE A 24 10.44 -19.85 -18.69
N PHE A 25 10.36 -19.37 -19.93
CA PHE A 25 9.15 -19.47 -20.75
C PHE A 25 8.76 -20.92 -21.04
N GLY A 26 9.77 -21.78 -21.20
CA GLY A 26 9.57 -23.20 -21.32
C GLY A 26 8.79 -23.53 -22.58
N SER A 27 7.72 -24.28 -22.41
CA SER A 27 6.82 -24.65 -23.49
C SER A 27 5.90 -23.49 -23.95
N ASN A 28 5.84 -22.39 -23.18
CA ASN A 28 5.03 -21.23 -23.56
C ASN A 28 5.71 -20.32 -24.57
N SER A 29 4.93 -19.53 -25.29
CA SER A 29 5.43 -18.56 -26.25
C SER A 29 4.99 -17.18 -25.86
N GLY A 30 5.87 -16.21 -26.10
CA GLY A 30 5.59 -14.82 -25.87
C GLY A 30 6.84 -13.99 -25.70
N SER A 31 6.73 -12.93 -24.89
CA SER A 31 7.84 -11.99 -24.77
C SER A 31 7.85 -11.34 -23.40
N PHE A 32 8.97 -10.68 -23.08
CA PHE A 32 9.12 -9.98 -21.81
C PHE A 32 9.87 -8.68 -22.09
N VAL A 33 9.42 -7.60 -21.49
CA VAL A 33 10.05 -6.33 -21.69
C VAL A 33 10.18 -5.68 -20.31
N MET A 34 11.31 -5.05 -20.03
CA MET A 34 11.46 -4.24 -18.80
C MET A 34 12.15 -2.93 -19.09
N TYR A 35 11.79 -1.88 -18.38
CA TYR A 35 12.41 -0.60 -18.53
C TYR A 35 12.89 -0.17 -17.16
N SER A 36 14.15 0.26 -17.09
CA SER A 36 14.74 0.79 -15.87
C SER A 36 14.79 2.31 -15.90
N MET A 37 14.20 2.95 -14.88
CA MET A 37 14.23 4.41 -14.76
C MET A 37 15.66 4.96 -14.62
N ALA A 38 16.48 4.32 -13.79
CA ALA A 38 17.82 4.84 -13.55
C ALA A 38 18.71 4.71 -14.79
N ALA A 39 18.52 3.62 -15.52
CA ALA A 39 19.34 3.36 -16.72
C ALA A 39 18.82 4.06 -17.99
N ASP A 40 17.51 4.35 -18.02
CA ASP A 40 16.78 4.78 -19.22
C ASP A 40 17.07 3.77 -20.33
N ALA A 41 16.79 2.50 -20.06
CA ALA A 41 17.18 1.41 -20.92
C ALA A 41 16.14 0.30 -20.86
N TYR A 42 15.94 -0.37 -22.00
CA TYR A 42 14.97 -1.45 -22.10
C TYR A 42 15.69 -2.79 -22.13
N TYR A 43 15.06 -3.82 -21.59
CA TYR A 43 15.65 -5.17 -21.62
C TYR A 43 14.54 -6.03 -22.18
N ILE A 44 14.79 -6.67 -23.32
CA ILE A 44 13.73 -7.32 -24.07
C ILE A 44 14.08 -8.76 -24.38
N TYR A 45 13.19 -9.68 -23.99
CA TYR A 45 13.21 -11.06 -24.52
C TYR A 45 12.19 -11.18 -25.65
N ASN A 46 12.60 -11.70 -26.81
CA ASN A 46 11.77 -11.93 -27.99
C ASN A 46 11.26 -10.62 -28.61
N GLU A 47 12.19 -9.85 -29.18
CA GLU A 47 11.92 -8.47 -29.57
C GLU A 47 10.83 -8.32 -30.63
N LYS A 48 10.87 -9.22 -31.60
CA LYS A 48 9.89 -9.32 -32.66
C LYS A 48 8.49 -9.62 -32.10
N GLU A 49 8.39 -10.65 -31.27
CA GLU A 49 7.15 -11.00 -30.62
C GLU A 49 6.65 -9.85 -29.71
N SER A 50 7.57 -9.09 -29.11
CA SER A 50 7.20 -7.96 -28.25
C SER A 50 6.49 -6.79 -28.93
N ARG A 51 6.62 -6.69 -30.26
CA ARG A 51 6.04 -5.63 -31.03
C ARG A 51 4.71 -6.06 -31.69
N LYS A 52 4.31 -7.30 -31.53
CA LYS A 52 3.00 -7.75 -32.02
C LYS A 52 1.91 -7.28 -31.07
N ARG A 53 0.88 -6.69 -31.67
CA ARG A 53 -0.20 -6.10 -30.89
C ARG A 53 -1.30 -7.10 -30.57
N TYR A 54 -1.73 -7.10 -29.32
CA TYR A 54 -2.80 -7.99 -28.87
C TYR A 54 -3.79 -7.26 -28.00
N SER A 55 -4.99 -7.85 -27.86
CA SER A 55 -6.02 -7.32 -26.99
C SER A 55 -5.45 -7.22 -25.57
N PRO A 56 -5.63 -6.06 -24.93
CA PRO A 56 -5.09 -5.92 -23.59
C PRO A 56 -5.90 -6.67 -22.50
N ASN A 57 -7.16 -7.07 -22.79
CA ASN A 57 -8.08 -7.67 -21.82
C ASN A 57 -8.08 -6.87 -20.49
N SER A 58 -7.88 -7.54 -19.36
CA SER A 58 -8.00 -6.87 -18.03
C SER A 58 -6.92 -5.90 -17.71
N THR A 59 -5.80 -5.92 -18.44
CA THR A 59 -4.79 -4.86 -18.21
C THR A 59 -5.27 -3.47 -18.52
N TYR A 60 -6.27 -3.33 -19.39
CA TYR A 60 -6.85 -2.02 -19.72
C TYR A 60 -7.62 -1.40 -18.57
N LYS A 61 -7.97 -2.22 -17.58
CA LYS A 61 -8.50 -1.70 -16.29
C LYS A 61 -7.64 -0.66 -15.59
N ILE A 62 -6.32 -0.75 -15.75
CA ILE A 62 -5.38 0.34 -15.37
C ILE A 62 -5.84 1.69 -15.90
N TYR A 63 -6.21 1.72 -17.17
CA TYR A 63 -6.50 2.96 -17.86
C TYR A 63 -7.93 3.38 -17.59
N LEU A 64 -8.86 2.43 -17.55
CA LEU A 64 -10.24 2.76 -17.16
C LEU A 64 -10.30 3.35 -15.75
N ALA A 65 -9.53 2.76 -14.82
CA ALA A 65 -9.39 3.33 -13.47
C ALA A 65 -8.85 4.77 -13.46
N MET A 66 -7.83 5.03 -14.25
CA MET A 66 -7.28 6.38 -14.36
C MET A 66 -8.28 7.34 -15.00
N PHE A 67 -9.04 6.87 -15.97
CA PHE A 67 -9.99 7.73 -16.66
C PHE A 67 -11.15 8.06 -15.72
N GLY A 68 -11.57 7.05 -14.95
CA GLY A 68 -12.68 7.20 -13.98
C GLY A 68 -12.29 8.13 -12.84
N LEU A 69 -11.03 8.06 -12.43
CA LEU A 69 -10.47 9.01 -11.46
C LEU A 69 -10.40 10.40 -12.04
N ASP A 70 -9.99 10.48 -13.31
CA ASP A 70 -9.77 11.80 -13.99
C ASP A 70 -11.08 12.53 -14.28
N ARG A 71 -12.14 11.76 -14.50
CA ARG A 71 -13.44 12.34 -14.81
C ARG A 71 -14.33 12.48 -13.58
N HIS A 72 -13.77 12.12 -12.41
CA HIS A 72 -14.48 12.13 -11.11
C HIS A 72 -15.69 11.20 -11.06
N ILE A 73 -15.68 10.17 -11.90
CA ILE A 73 -16.61 9.05 -11.80
C ILE A 73 -16.37 8.35 -10.45
N ILE A 74 -15.10 8.17 -10.08
CA ILE A 74 -14.76 7.72 -8.72
C ILE A 74 -13.74 8.68 -8.09
N ASN A 75 -13.67 8.74 -6.77
CA ASN A 75 -12.59 9.51 -6.12
C ASN A 75 -11.87 8.75 -4.99
N ASP A 76 -11.15 9.47 -4.12
CA ASP A 76 -10.51 8.81 -2.95
C ASP A 76 -11.36 8.71 -1.69
N GLU A 77 -12.39 9.54 -1.57
CA GLU A 77 -13.35 9.36 -0.48
C GLU A 77 -14.34 8.21 -0.79
N ASN A 78 -14.71 8.06 -2.07
CA ASN A 78 -15.73 7.11 -2.48
C ASN A 78 -15.39 6.55 -3.87
N SER A 79 -14.95 5.30 -3.93
CA SER A 79 -14.86 4.63 -5.20
C SER A 79 -15.81 3.44 -5.19
N ARG A 80 -16.78 3.46 -4.28
CA ARG A 80 -17.72 2.34 -4.15
C ARG A 80 -18.83 2.26 -5.19
N MET A 81 -19.17 1.05 -5.56
CA MET A 81 -20.27 0.76 -6.48
C MET A 81 -20.98 -0.44 -5.95
N SER A 82 -22.30 -0.35 -5.88
CA SER A 82 -23.06 -1.49 -5.40
C SER A 82 -23.33 -2.46 -6.54
N TRP A 83 -23.50 -3.71 -6.16
CA TRP A 83 -23.74 -4.81 -7.08
C TRP A 83 -25.19 -4.74 -7.47
N ASN A 84 -25.49 -4.94 -8.76
CA ASN A 84 -26.89 -4.92 -9.26
C ASN A 84 -27.68 -6.21 -9.07
N HIS A 85 -27.07 -7.17 -8.39
CA HIS A 85 -27.67 -8.44 -7.96
C HIS A 85 -27.65 -9.55 -9.00
N LYS A 86 -27.05 -9.29 -10.16
CA LYS A 86 -26.85 -10.31 -11.19
C LYS A 86 -25.82 -11.30 -10.65
N HIS A 87 -26.17 -12.59 -10.63
CA HIS A 87 -25.27 -13.64 -10.15
C HIS A 87 -24.15 -13.89 -11.15
N TYR A 88 -22.92 -13.77 -10.69
CA TYR A 88 -21.73 -14.15 -11.44
C TYR A 88 -21.22 -15.48 -10.93
N PRO A 89 -20.45 -16.24 -11.76
CA PRO A 89 -19.90 -17.51 -11.27
C PRO A 89 -18.75 -17.36 -10.25
N PHE A 90 -18.33 -16.13 -9.96
CA PHE A 90 -17.27 -15.86 -8.96
C PHE A 90 -17.84 -15.04 -7.82
N ASP A 91 -17.77 -15.57 -6.60
CA ASP A 91 -18.43 -14.91 -5.44
C ASP A 91 -17.85 -13.53 -5.10
N ALA A 92 -16.58 -13.31 -5.45
CA ALA A 92 -15.92 -12.03 -5.24
C ALA A 92 -16.53 -10.92 -6.11
N TRP A 93 -17.29 -11.32 -7.14
CA TRP A 93 -17.95 -10.36 -8.01
C TRP A 93 -19.34 -10.05 -7.53
N ASN A 94 -19.89 -10.94 -6.70
CA ASN A 94 -21.28 -10.85 -6.29
C ASN A 94 -21.51 -9.97 -5.05
N LYS A 95 -20.94 -8.74 -5.02
CA LYS A 95 -21.01 -7.87 -3.83
C LYS A 95 -20.59 -6.46 -4.23
N GLU A 96 -20.81 -5.50 -3.34
CA GLU A 96 -20.28 -4.13 -3.47
C GLU A 96 -18.75 -4.16 -3.68
N GLN A 97 -18.25 -3.23 -4.49
CA GLN A 97 -16.82 -3.12 -4.74
C GLN A 97 -16.35 -1.72 -4.46
N ASP A 98 -15.04 -1.58 -4.24
CA ASP A 98 -14.36 -0.29 -4.40
C ASP A 98 -13.29 -0.50 -5.43
N LEU A 99 -12.48 0.52 -5.69
CA LEU A 99 -11.47 0.37 -6.72
C LEU A 99 -10.47 -0.73 -6.37
N ASN A 100 -10.09 -0.81 -5.10
CA ASN A 100 -9.13 -1.81 -4.63
C ASN A 100 -9.62 -3.25 -4.81
N THR A 101 -10.86 -3.52 -4.40
CA THR A 101 -11.39 -4.89 -4.50
C THR A 101 -11.62 -5.29 -5.97
N ALA A 102 -12.12 -4.34 -6.77
CA ALA A 102 -12.41 -4.59 -8.17
C ALA A 102 -11.19 -4.82 -8.99
N MET A 103 -10.12 -4.05 -8.74
CA MET A 103 -8.84 -4.28 -9.37
C MET A 103 -8.26 -5.63 -8.94
N GLN A 104 -8.22 -5.88 -7.63
CA GLN A 104 -7.64 -7.13 -7.12
C GLN A 104 -8.34 -8.37 -7.67
N ASN A 105 -9.68 -8.30 -7.73
CA ASN A 105 -10.43 -9.47 -8.15
C ASN A 105 -10.89 -9.40 -9.60
N SER A 106 -10.32 -8.47 -10.38
CA SER A 106 -10.63 -8.27 -11.81
C SER A 106 -12.16 -8.33 -12.11
N VAL A 107 -12.92 -7.49 -11.43
CA VAL A 107 -14.37 -7.50 -11.48
C VAL A 107 -14.81 -6.66 -12.65
N ASN A 108 -15.13 -7.34 -13.76
CA ASN A 108 -15.43 -6.66 -15.02
C ASN A 108 -16.55 -5.63 -14.95
N TRP A 109 -17.65 -5.95 -14.25
CA TRP A 109 -18.80 -5.04 -14.25
C TRP A 109 -18.49 -3.68 -13.65
N TYR A 110 -17.54 -3.63 -12.72
CA TYR A 110 -17.14 -2.36 -12.11
C TYR A 110 -16.54 -1.46 -13.19
N PHE A 111 -15.64 -2.03 -13.96
CA PHE A 111 -14.93 -1.26 -14.98
C PHE A 111 -15.81 -0.99 -16.17
N GLU A 112 -16.75 -1.89 -16.42
CA GLU A 112 -17.74 -1.68 -17.46
C GLU A 112 -18.64 -0.54 -17.11
N ARG A 113 -19.06 -0.47 -15.84
CA ARG A 113 -19.88 0.66 -15.39
C ARG A 113 -19.14 2.02 -15.54
N ILE A 114 -17.84 2.02 -15.30
CA ILE A 114 -16.99 3.22 -15.54
C ILE A 114 -16.94 3.60 -17.01
N SER A 115 -16.65 2.61 -17.87
CA SER A 115 -16.51 2.79 -19.31
C SER A 115 -17.78 3.36 -19.96
N ASP A 116 -18.94 2.96 -19.44
CA ASP A 116 -20.25 3.45 -19.91
C ASP A 116 -20.50 4.94 -19.66
N GLN A 117 -19.85 5.49 -18.66
CA GLN A 117 -19.97 6.92 -18.33
C GLN A 117 -18.98 7.81 -19.07
N ILE A 118 -18.01 7.21 -19.75
CA ILE A 118 -16.94 7.95 -20.43
C ILE A 118 -17.31 8.15 -21.91
N PRO A 119 -17.47 9.43 -22.35
CA PRO A 119 -17.78 9.77 -23.74
C PRO A 119 -16.66 9.32 -24.66
N LYS A 120 -17.04 8.84 -25.85
CA LYS A 120 -16.09 8.23 -26.77
C LYS A 120 -14.98 9.20 -27.18
N ASN A 121 -15.33 10.46 -27.42
CA ASN A 121 -14.34 11.48 -27.76
C ASN A 121 -13.21 11.70 -26.70
N TYR A 122 -13.55 11.54 -25.41
CA TYR A 122 -12.58 11.67 -24.34
C TYR A 122 -11.62 10.50 -24.40
N THR A 123 -12.15 9.28 -24.54
CA THR A 123 -11.30 8.09 -24.71
C THR A 123 -10.38 8.21 -25.93
N ALA A 124 -10.92 8.68 -27.06
CA ALA A 124 -10.15 8.84 -28.30
C ALA A 124 -8.99 9.83 -28.11
N THR A 125 -9.28 10.95 -27.47
CA THR A 125 -8.26 11.91 -27.05
C THR A 125 -7.23 11.29 -26.09
N GLN A 126 -7.68 10.51 -25.12
CA GLN A 126 -6.71 9.91 -24.23
C GLN A 126 -5.78 8.93 -24.91
N LEU A 127 -6.32 8.06 -25.76
CA LEU A 127 -5.52 7.00 -26.38
C LEU A 127 -4.49 7.59 -27.37
N LYS A 128 -4.84 8.72 -27.98
CA LYS A 128 -3.94 9.47 -28.83
C LYS A 128 -2.78 10.03 -28.03
N GLN A 129 -3.10 10.72 -26.92
CA GLN A 129 -2.10 11.38 -26.07
C GLN A 129 -1.17 10.39 -25.38
N LEU A 130 -1.69 9.19 -25.08
CA LEU A 130 -0.95 8.14 -24.42
C LEU A 130 -0.18 7.29 -25.42
N ASN A 131 -0.49 7.43 -26.72
CA ASN A 131 -0.03 6.52 -27.78
C ASN A 131 -0.37 5.07 -27.46
N TYR A 132 -1.63 4.82 -27.10
CA TYR A 132 -2.03 3.49 -26.62
C TYR A 132 -2.32 2.56 -27.81
N GLY A 133 -1.34 1.74 -28.17
CA GLY A 133 -1.50 0.69 -29.17
C GLY A 133 -2.06 1.15 -30.50
N ASN A 134 -3.03 0.42 -31.03
CA ASN A 134 -3.61 0.82 -32.30
C ASN A 134 -4.67 1.89 -32.17
N LYS A 135 -5.02 2.28 -30.93
CA LYS A 135 -6.00 3.35 -30.68
C LYS A 135 -7.41 3.03 -31.24
N ASN A 136 -7.70 1.76 -31.49
CA ASN A 136 -8.89 1.43 -32.26
C ASN A 136 -10.03 1.13 -31.29
N LEU A 137 -11.02 2.00 -31.25
CA LEU A 137 -12.11 1.80 -30.32
C LEU A 137 -13.24 0.89 -30.84
N GLY A 138 -13.24 0.57 -32.14
CA GLY A 138 -14.30 -0.26 -32.78
C GLY A 138 -15.72 0.25 -32.50
N SER A 139 -16.57 -0.64 -31.97
CA SER A 139 -17.95 -0.30 -31.59
C SER A 139 -18.10 0.40 -30.24
N TYR A 140 -16.97 0.65 -29.55
CA TYR A 140 -16.90 1.27 -28.22
C TYR A 140 -17.74 0.51 -27.18
N LYS A 141 -17.79 -0.82 -27.27
CA LYS A 141 -18.58 -1.52 -26.29
C LYS A 141 -17.66 -2.14 -25.26
N SER A 142 -17.31 -3.40 -25.37
CA SER A 142 -16.33 -3.90 -24.40
C SER A 142 -15.05 -4.03 -25.18
N TYR A 143 -14.60 -2.90 -25.72
CA TYR A 143 -13.65 -2.87 -26.82
C TYR A 143 -12.24 -3.37 -26.46
N TRP A 144 -11.96 -3.42 -25.16
CA TRP A 144 -10.70 -3.93 -24.63
C TRP A 144 -10.65 -5.45 -24.40
N MET A 145 -11.75 -6.15 -24.68
CA MET A 145 -11.82 -7.60 -24.43
C MET A 145 -11.99 -8.33 -25.76
N GLU A 146 -10.91 -8.99 -26.20
CA GLU A 146 -10.82 -9.69 -27.50
C GLU A 146 -11.58 -9.01 -28.63
N ASP A 147 -11.30 -7.73 -28.82
CA ASP A 147 -12.05 -6.88 -29.75
C ASP A 147 -11.02 -6.02 -30.55
N SER A 148 -11.35 -4.77 -30.86
CA SER A 148 -10.62 -3.98 -31.84
C SER A 148 -9.35 -3.35 -31.28
N LEU A 149 -9.39 -2.96 -30.00
CA LEU A 149 -8.26 -2.29 -29.35
C LEU A 149 -7.15 -3.30 -29.12
N LYS A 150 -5.96 -3.00 -29.62
CA LYS A 150 -4.82 -3.88 -29.39
C LYS A 150 -3.58 -3.06 -29.07
N ILE A 151 -2.64 -3.69 -28.35
CA ILE A 151 -1.42 -3.06 -27.90
C ILE A 151 -0.31 -4.14 -27.79
N SER A 152 0.93 -3.77 -28.08
CA SER A 152 2.02 -4.73 -27.95
C SER A 152 2.62 -4.80 -26.57
N ASN A 153 3.34 -5.88 -26.28
CA ASN A 153 4.07 -6.00 -25.05
C ASN A 153 5.02 -4.83 -24.83
N LEU A 154 5.83 -4.50 -25.85
CA LEU A 154 6.70 -3.33 -25.78
C LEU A 154 5.93 -2.04 -25.44
N GLU A 155 4.82 -1.78 -26.15
CA GLU A 155 4.01 -0.60 -25.79
C GLU A 155 3.39 -0.57 -24.43
N GLN A 156 2.98 -1.71 -23.88
CA GLN A 156 2.48 -1.77 -22.50
C GLN A 156 3.46 -1.08 -21.54
N VAL A 157 4.75 -1.33 -21.72
CA VAL A 157 5.76 -0.77 -20.82
C VAL A 157 5.95 0.73 -21.05
N ILE A 158 6.14 1.10 -22.31
CA ILE A 158 6.37 2.48 -22.71
C ILE A 158 5.19 3.38 -22.32
N VAL A 159 3.98 2.92 -22.62
CA VAL A 159 2.77 3.70 -22.35
C VAL A 159 2.51 3.86 -20.84
N PHE A 160 2.72 2.79 -20.08
CA PHE A 160 2.47 2.84 -18.63
C PHE A 160 3.50 3.74 -17.96
N LYS A 161 4.78 3.57 -18.33
CA LYS A 161 5.86 4.44 -17.80
C LYS A 161 5.56 5.91 -18.08
N ASN A 162 5.18 6.22 -19.32
CA ASN A 162 4.92 7.61 -19.71
C ASN A 162 3.71 8.22 -19.04
N MET A 163 2.64 7.43 -18.94
CA MET A 163 1.47 7.84 -18.15
C MET A 163 1.83 8.20 -16.70
N MET A 164 2.54 7.29 -16.02
CA MET A 164 2.88 7.51 -14.62
C MET A 164 3.99 8.56 -14.39
N GLU A 165 5.02 8.58 -15.23
CA GLU A 165 6.20 9.38 -14.91
C GLU A 165 6.27 10.78 -15.50
N GLN A 166 5.51 11.06 -16.55
CA GLN A 166 5.54 12.42 -17.09
C GLN A 166 4.55 13.31 -16.33
N ASN A 167 4.88 14.60 -16.24
CA ASN A 167 3.94 15.60 -15.72
C ASN A 167 2.93 15.85 -16.80
N ASN A 168 1.79 15.21 -16.65
CA ASN A 168 0.75 15.33 -17.64
C ASN A 168 -0.55 15.82 -17.03
N HIS A 169 -1.67 15.49 -17.66
CA HIS A 169 -2.91 16.05 -17.18
C HIS A 169 -3.57 15.16 -16.13
N PHE A 170 -3.08 13.93 -15.94
CA PHE A 170 -3.51 13.15 -14.77
C PHE A 170 -2.82 13.66 -13.50
N SER A 171 -3.61 13.80 -12.44
CA SER A 171 -3.12 14.37 -11.20
C SER A 171 -2.37 13.30 -10.42
N LYS A 172 -1.61 13.78 -9.44
CA LYS A 172 -0.75 12.96 -8.57
C LYS A 172 -1.63 12.11 -7.67
N LYS A 173 -2.74 12.68 -7.23
CA LYS A 173 -3.76 12.02 -6.41
C LYS A 173 -4.31 10.77 -7.11
N ALA A 174 -4.62 10.94 -8.39
CA ALA A 174 -5.17 9.86 -9.21
C ALA A 174 -4.15 8.77 -9.40
N LYS A 175 -2.90 9.16 -9.69
CA LYS A 175 -1.80 8.21 -9.91
C LYS A 175 -1.50 7.41 -8.65
N ASN A 176 -1.49 8.11 -7.50
CA ASN A 176 -1.35 7.45 -6.19
C ASN A 176 -2.50 6.51 -5.87
N GLN A 177 -3.72 6.96 -6.13
CA GLN A 177 -4.88 6.06 -5.92
C GLN A 177 -4.87 4.84 -6.85
N LEU A 178 -4.55 5.04 -8.13
CA LEU A 178 -4.38 3.90 -9.02
C LEU A 178 -3.28 2.95 -8.50
N SER A 179 -2.16 3.51 -8.03
CA SER A 179 -1.07 2.70 -7.50
C SER A 179 -1.41 1.80 -6.36
N SER A 180 -2.14 2.34 -5.36
CA SER A 180 -2.56 1.53 -4.20
C SER A 180 -3.43 0.38 -4.61
N SER A 181 -4.30 0.61 -5.61
CA SER A 181 -5.11 -0.49 -6.20
C SER A 181 -4.29 -1.60 -6.88
N LEU A 182 -3.09 -1.27 -7.33
CA LEU A 182 -2.26 -2.23 -8.08
C LEU A 182 -1.19 -2.91 -7.24
N LEU A 183 -1.03 -2.49 -5.99
CA LEU A 183 -0.01 -3.08 -5.13
C LEU A 183 -0.25 -4.55 -4.86
N ILE A 184 0.76 -5.37 -5.14
CA ILE A 184 0.60 -6.81 -4.92
C ILE A 184 1.44 -7.27 -3.75
N LYS A 185 2.70 -6.83 -3.73
CA LYS A 185 3.64 -7.32 -2.75
C LYS A 185 4.53 -6.14 -2.25
N LYS A 186 4.76 -6.07 -0.94
CA LYS A 186 5.66 -5.08 -0.37
C LYS A 186 6.46 -5.72 0.76
N ASN A 187 7.78 -5.63 0.70
CA ASN A 187 8.61 -6.03 1.82
C ASN A 187 9.72 -4.99 1.99
N GLU A 188 10.77 -5.38 2.70
CA GLU A 188 11.99 -4.60 2.97
C GLU A 188 12.79 -4.24 1.70
N LYS A 189 12.71 -5.09 0.69
CA LYS A 189 13.47 -4.92 -0.56
C LYS A 189 12.71 -4.21 -1.69
N TYR A 190 11.42 -4.55 -1.85
CA TYR A 190 10.67 -4.05 -2.97
C TYR A 190 9.19 -3.82 -2.74
N GLU A 191 8.61 -3.05 -3.64
CA GLU A 191 7.17 -2.99 -3.82
C GLU A 191 6.83 -3.47 -5.24
N LEU A 192 5.98 -4.48 -5.34
CA LEU A 192 5.56 -4.99 -6.64
C LEU A 192 4.10 -4.62 -6.90
N TYR A 193 3.89 -4.01 -8.08
CA TYR A 193 2.60 -3.50 -8.50
C TYR A 193 2.31 -4.15 -9.83
N GLY A 194 1.06 -4.45 -10.11
CA GLY A 194 0.70 -4.92 -11.43
C GLY A 194 -0.70 -5.44 -11.59
N LYS A 195 -0.99 -5.93 -12.80
CA LYS A 195 -2.31 -6.40 -13.18
C LYS A 195 -2.23 -7.53 -14.22
N THR A 196 -2.90 -8.65 -13.93
CA THR A 196 -3.00 -9.74 -14.91
C THR A 196 -4.10 -9.46 -15.93
N GLY A 197 -4.02 -10.17 -17.06
CA GLY A 197 -5.07 -10.13 -18.04
C GLY A 197 -5.11 -11.50 -18.67
N THR A 198 -6.31 -12.03 -18.88
CA THR A 198 -6.47 -13.27 -19.65
C THR A 198 -7.59 -13.09 -20.68
N GLY A 199 -7.34 -13.52 -21.90
CA GLY A 199 -8.38 -13.63 -22.90
C GLY A 199 -8.78 -15.07 -23.04
N ILE A 200 -10.07 -15.34 -22.84
CA ILE A 200 -10.64 -16.68 -23.01
C ILE A 200 -11.49 -16.76 -24.29
N VAL A 201 -11.13 -17.68 -25.17
CA VAL A 201 -11.80 -17.90 -26.44
C VAL A 201 -12.14 -19.38 -26.51
N ASN A 202 -13.44 -19.69 -26.61
CA ASN A 202 -13.98 -21.08 -26.63
C ASN A 202 -13.60 -21.89 -25.39
N GLY A 203 -13.59 -21.26 -24.21
CA GLY A 203 -13.12 -21.95 -23.01
C GLY A 203 -11.61 -22.10 -22.88
N LYS A 204 -10.85 -21.79 -23.94
CA LYS A 204 -9.38 -21.92 -23.97
C LYS A 204 -8.72 -20.58 -23.66
N TYR A 205 -7.56 -20.62 -23.00
CA TYR A 205 -6.73 -19.43 -22.80
C TYR A 205 -6.10 -19.08 -24.14
N ASN A 206 -6.07 -17.80 -24.45
CA ASN A 206 -5.70 -17.36 -25.78
C ASN A 206 -4.56 -16.34 -25.71
N ASN A 207 -4.47 -15.67 -24.57
CA ASN A 207 -3.74 -14.42 -24.43
C ASN A 207 -3.47 -14.08 -22.95
N GLY A 208 -2.24 -14.25 -22.43
CA GLY A 208 -1.95 -13.90 -21.02
C GLY A 208 -1.07 -12.67 -20.85
N TRP A 209 -1.32 -11.88 -19.82
CA TRP A 209 -0.60 -10.63 -19.63
C TRP A 209 -0.31 -10.46 -18.17
N PHE A 210 0.79 -9.80 -17.84
CA PHE A 210 0.99 -9.25 -16.50
C PHE A 210 1.82 -8.00 -16.75
N VAL A 211 1.32 -6.85 -16.33
CA VAL A 211 1.90 -5.58 -16.69
C VAL A 211 2.04 -4.87 -15.35
N GLY A 212 3.23 -4.31 -15.09
CA GLY A 212 3.39 -3.70 -13.80
C GLY A 212 4.66 -2.91 -13.61
N TYR A 213 4.98 -2.70 -12.35
CA TYR A 213 6.20 -2.04 -12.01
C TYR A 213 6.69 -2.42 -10.61
N VAL A 214 8.02 -2.35 -10.42
CA VAL A 214 8.65 -2.65 -9.16
C VAL A 214 9.36 -1.39 -8.68
N ILE A 215 9.15 -1.00 -7.43
CA ILE A 215 9.96 0.04 -6.81
C ILE A 215 10.95 -0.64 -5.85
N THR A 216 12.27 -0.40 -6.01
CA THR A 216 13.25 -0.84 -4.97
C THR A 216 13.83 0.36 -4.30
N ASN A 217 14.75 0.15 -3.38
CA ASN A 217 15.49 1.26 -2.77
C ASN A 217 16.42 2.00 -3.76
N HIS A 218 16.68 1.41 -4.93
CA HIS A 218 17.65 1.95 -5.88
C HIS A 218 17.09 2.41 -7.22
N ASP A 219 15.92 1.90 -7.60
CA ASP A 219 15.43 2.06 -8.96
C ASP A 219 13.92 1.77 -9.01
N LYS A 220 13.33 2.06 -10.16
CA LYS A 220 11.95 1.75 -10.41
C LYS A 220 11.99 1.08 -11.77
N TYR A 221 11.30 -0.04 -11.91
CA TYR A 221 11.29 -0.76 -13.18
C TYR A 221 9.87 -0.95 -13.64
N TYR A 222 9.61 -0.73 -14.93
CA TYR A 222 8.31 -1.05 -15.48
C TYR A 222 8.49 -2.27 -16.31
N PHE A 223 7.50 -3.16 -16.30
CA PHE A 223 7.70 -4.41 -17.01
C PHE A 223 6.37 -4.96 -17.53
N ALA A 224 6.47 -5.92 -18.45
CA ALA A 224 5.34 -6.65 -18.95
C ALA A 224 5.72 -7.96 -19.59
N THR A 225 4.96 -9.01 -19.27
CA THR A 225 5.08 -10.32 -19.90
C THR A 225 3.78 -10.53 -20.69
N HIS A 226 3.92 -11.03 -21.91
CA HIS A 226 2.76 -11.46 -22.68
C HIS A 226 2.96 -12.91 -23.04
N LEU A 227 1.92 -13.73 -22.89
CA LEU A 227 1.93 -15.08 -23.44
C LEU A 227 0.91 -15.24 -24.60
N SER A 228 1.35 -15.81 -25.72
CA SER A 228 0.49 -16.01 -26.90
C SER A 228 0.19 -17.47 -27.19
N ASP A 229 0.96 -18.39 -26.59
CA ASP A 229 0.72 -19.81 -26.77
C ASP A 229 1.28 -20.64 -25.62
N GLY A 230 0.88 -21.90 -25.56
CA GLY A 230 1.24 -22.81 -24.51
C GLY A 230 0.11 -22.87 -23.53
N LYS A 231 0.27 -22.20 -22.39
CA LYS A 231 -0.83 -21.96 -21.49
C LYS A 231 -0.91 -20.47 -21.26
N PRO A 232 -1.51 -19.74 -22.21
CA PRO A 232 -1.38 -18.29 -22.08
C PRO A 232 -2.38 -17.63 -21.13
N SER A 233 -2.19 -17.82 -19.82
CA SER A 233 -3.00 -17.16 -18.81
C SER A 233 -2.29 -15.99 -18.14
N GLY A 234 -3.09 -15.08 -17.57
CA GLY A 234 -2.60 -14.02 -16.69
C GLY A 234 -1.79 -14.61 -15.55
N LYS A 235 -2.28 -15.72 -14.98
CA LYS A 235 -1.63 -16.36 -13.83
C LYS A 235 -0.21 -16.81 -14.19
N ASN A 236 -0.09 -17.46 -15.35
CA ASN A 236 1.18 -17.94 -15.87
C ASN A 236 2.14 -16.83 -16.31
N ALA A 237 1.59 -15.72 -16.83
CA ALA A 237 2.40 -14.54 -17.17
C ALA A 237 2.98 -13.88 -15.90
N GLU A 238 2.23 -13.96 -14.81
CA GLU A 238 2.63 -13.39 -13.56
C GLU A 238 3.76 -14.21 -12.96
N LEU A 239 3.60 -15.53 -12.98
CA LEU A 239 4.60 -16.45 -12.52
C LEU A 239 5.92 -16.30 -13.26
N ILE A 240 5.82 -16.16 -14.58
CA ILE A 240 6.98 -16.03 -15.45
C ILE A 240 7.70 -14.68 -15.21
N SER A 241 6.92 -13.61 -15.07
CA SER A 241 7.42 -12.32 -14.70
C SER A 241 8.22 -12.39 -13.39
N GLU A 242 7.64 -13.02 -12.36
CA GLU A 242 8.26 -13.14 -11.05
C GLU A 242 9.59 -13.85 -11.12
N LYS A 243 9.66 -14.96 -11.86
CA LYS A 243 10.92 -15.68 -11.98
C LYS A 243 12.00 -14.89 -12.76
N ILE A 244 11.56 -13.98 -13.64
CA ILE A 244 12.48 -13.30 -14.52
C ILE A 244 13.04 -12.13 -13.73
N LEU A 245 12.15 -11.37 -13.10
CA LEU A 245 12.52 -10.28 -12.19
C LEU A 245 13.47 -10.75 -11.08
N LYS A 246 13.21 -11.94 -10.52
CA LYS A 246 14.08 -12.55 -9.53
C LYS A 246 15.49 -12.81 -10.09
N GLU A 247 15.57 -13.53 -11.22
CA GLU A 247 16.83 -13.84 -11.89
C GLU A 247 17.66 -12.61 -12.20
N MET A 248 16.96 -11.55 -12.60
CA MET A 248 17.60 -10.30 -12.94
C MET A 248 18.03 -9.47 -11.73
N GLY A 249 17.59 -9.84 -10.54
CA GLY A 249 18.03 -9.18 -9.32
C GLY A 249 17.19 -8.00 -8.92
N VAL A 250 16.06 -7.83 -9.61
CA VAL A 250 15.11 -6.77 -9.35
C VAL A 250 14.36 -6.97 -8.02
N LEU A 251 14.12 -8.21 -7.65
CA LEU A 251 13.41 -8.53 -6.39
C LEU A 251 14.26 -8.78 -5.13
N ASN A 252 15.54 -8.42 -5.19
CA ASN A 252 16.46 -8.85 -4.11
C ASN A 252 17.43 -7.73 -3.69
N GLN B 1 0.80 11.30 35.09
CA GLN B 1 1.51 12.08 36.16
C GLN B 1 0.60 12.51 37.36
N SER B 2 0.03 11.50 38.05
CA SER B 2 -0.76 11.61 39.31
C SER B 2 -0.82 10.21 39.95
N ILE B 3 -1.56 10.10 41.06
CA ILE B 3 -1.64 8.87 41.88
C ILE B 3 -2.25 7.64 41.16
N THR B 4 -3.18 7.86 40.24
CA THR B 4 -3.77 6.76 39.46
C THR B 4 -3.45 6.91 37.98
N ASP B 5 -2.69 7.94 37.65
CA ASP B 5 -2.39 8.24 36.27
C ASP B 5 -1.33 7.38 35.62
N TYR B 6 -0.50 6.71 36.42
CA TYR B 6 0.48 5.79 35.84
C TYR B 6 -0.13 4.45 35.40
N ASN B 7 -1.42 4.25 35.70
CA ASN B 7 -2.10 3.02 35.36
C ASN B 7 -3.44 3.24 34.69
N TYR B 8 -3.70 2.41 33.69
CA TYR B 8 -5.01 2.37 33.10
C TYR B 8 -5.86 1.36 33.88
N LYS B 9 -6.94 1.82 34.48
CA LYS B 9 -7.60 0.98 35.46
C LYS B 9 -8.90 0.37 34.95
N LYS B 10 -9.41 0.88 33.83
CA LYS B 10 -10.73 0.49 33.32
C LYS B 10 -10.78 -0.98 32.93
N PRO B 11 -11.75 -1.74 33.50
CA PRO B 11 -11.88 -3.15 33.22
C PRO B 11 -12.32 -3.40 31.80
N LEU B 12 -11.84 -4.50 31.25
CA LEU B 12 -12.23 -4.96 29.94
C LEU B 12 -13.58 -5.66 30.13
N HIS B 13 -14.54 -5.29 29.30
CA HIS B 13 -15.88 -5.89 29.30
C HIS B 13 -15.82 -7.15 28.46
N ASN B 14 -14.84 -7.16 27.58
CA ASN B 14 -14.63 -8.17 26.58
C ASN B 14 -14.13 -9.51 27.09
N ASP B 15 -14.23 -10.49 26.22
CA ASP B 15 -13.47 -11.72 26.33
C ASP B 15 -11.99 -11.35 26.24
N TYR B 16 -11.19 -11.94 27.12
CA TYR B 16 -9.74 -11.76 27.07
C TYR B 16 -9.04 -13.09 27.32
N GLN B 17 -7.80 -13.19 26.87
CA GLN B 17 -7.12 -14.45 26.85
C GLN B 17 -5.70 -14.25 27.37
N ILE B 18 -5.34 -14.92 28.46
CA ILE B 18 -4.01 -14.69 29.01
C ILE B 18 -2.98 -15.57 28.28
N LEU B 19 -1.96 -14.93 27.73
CA LEU B 19 -0.94 -15.63 26.97
C LEU B 19 0.28 -15.86 27.82
N ASP B 20 1.13 -16.77 27.38
CA ASP B 20 2.49 -16.88 27.91
C ASP B 20 3.41 -16.83 26.70
N LYS B 21 4.05 -15.68 26.51
CA LYS B 21 5.04 -15.50 25.46
C LYS B 21 6.42 -15.23 26.03
N SER B 22 6.70 -15.76 27.23
CA SER B 22 7.96 -15.51 27.93
C SER B 22 9.21 -15.99 27.18
N LYS B 23 9.09 -17.15 26.53
CA LYS B 23 10.13 -17.69 25.62
C LYS B 23 10.63 -16.66 24.60
N ILE B 24 9.68 -16.00 23.93
CA ILE B 24 9.96 -15.02 22.87
C ILE B 24 10.56 -13.70 23.43
N PHE B 25 10.07 -13.27 24.58
CA PHE B 25 10.57 -12.07 25.24
C PHE B 25 12.00 -12.28 25.71
N GLY B 26 12.30 -13.49 26.18
CA GLY B 26 13.66 -13.87 26.57
C GLY B 26 14.15 -13.00 27.70
N SER B 27 15.17 -12.19 27.39
CA SER B 27 15.80 -11.33 28.40
C SER B 27 15.13 -9.95 28.49
N ASN B 28 14.10 -9.75 27.68
CA ASN B 28 13.36 -8.51 27.70
C ASN B 28 12.14 -8.56 28.57
N SER B 29 11.77 -7.38 29.08
CA SER B 29 10.61 -7.22 29.94
C SER B 29 9.62 -6.32 29.22
N GLY B 30 8.34 -6.62 29.43
CA GLY B 30 7.25 -5.85 28.86
C GLY B 30 5.99 -6.67 28.66
N SER B 31 5.21 -6.31 27.64
CA SER B 31 3.89 -6.89 27.45
C SER B 31 3.49 -6.89 25.98
N PHE B 32 2.55 -7.78 25.63
CA PHE B 32 1.97 -7.83 24.31
C PHE B 32 0.45 -7.82 24.42
N VAL B 33 -0.22 -7.05 23.58
CA VAL B 33 -1.69 -6.99 23.55
C VAL B 33 -2.16 -7.15 22.09
N MET B 34 -3.16 -7.99 21.85
CA MET B 34 -3.76 -8.09 20.53
C MET B 34 -5.27 -8.09 20.58
N TYR B 35 -5.92 -7.28 19.74
CA TYR B 35 -7.37 -7.32 19.61
C TYR B 35 -7.77 -7.95 18.28
N SER B 36 -8.64 -8.93 18.30
CA SER B 36 -9.21 -9.48 17.07
C SER B 36 -10.57 -8.85 16.82
N MET B 37 -10.76 -8.28 15.62
CA MET B 37 -12.05 -7.72 15.19
C MET B 37 -13.22 -8.73 15.11
N ALA B 38 -12.98 -9.90 14.49
CA ALA B 38 -14.06 -10.90 14.29
C ALA B 38 -14.48 -11.52 15.60
N ALA B 39 -13.49 -11.72 16.47
CA ALA B 39 -13.71 -12.31 17.78
C ALA B 39 -14.32 -11.34 18.77
N ASP B 40 -14.07 -10.03 18.57
CA ASP B 40 -14.22 -8.99 19.60
C ASP B 40 -13.54 -9.45 20.90
N ALA B 41 -12.26 -9.82 20.81
CA ALA B 41 -11.59 -10.37 21.99
C ALA B 41 -10.15 -9.92 22.07
N TYR B 42 -9.65 -9.85 23.31
CA TYR B 42 -8.27 -9.44 23.57
C TYR B 42 -7.42 -10.65 23.93
N TYR B 43 -6.15 -10.58 23.57
CA TYR B 43 -5.16 -11.60 23.83
C TYR B 43 -4.04 -10.82 24.46
N ILE B 44 -3.67 -11.17 25.70
CA ILE B 44 -2.75 -10.32 26.51
C ILE B 44 -1.60 -11.12 27.18
N TYR B 45 -0.35 -10.75 26.92
CA TYR B 45 0.77 -11.27 27.67
C TYR B 45 1.14 -10.19 28.67
N ASN B 46 1.14 -10.56 29.96
CA ASN B 46 1.59 -9.70 31.10
C ASN B 46 0.62 -8.56 31.23
N GLU B 47 -0.59 -8.92 31.64
CA GLU B 47 -1.73 -8.02 31.77
C GLU B 47 -1.52 -6.82 32.69
N LYS B 48 -0.92 -7.04 33.85
CA LYS B 48 -0.60 -5.93 34.76
C LYS B 48 0.37 -4.94 34.11
N GLU B 49 1.47 -5.48 33.58
CA GLU B 49 2.47 -4.71 32.83
C GLU B 49 1.87 -3.98 31.61
N SER B 50 0.90 -4.58 30.95
CA SER B 50 0.14 -3.93 29.87
C SER B 50 -0.71 -2.70 30.27
N ARG B 51 -0.95 -2.50 31.55
CA ARG B 51 -1.78 -1.40 32.05
C ARG B 51 -0.94 -0.21 32.56
N LYS B 52 0.38 -0.40 32.57
CA LYS B 52 1.36 0.56 33.06
C LYS B 52 1.59 1.60 31.94
N ARG B 53 1.45 2.88 32.27
CA ARG B 53 1.50 3.94 31.25
C ARG B 53 2.95 4.42 31.03
N TYR B 54 3.35 4.51 29.75
CA TYR B 54 4.69 4.99 29.36
C TYR B 54 4.54 6.03 28.27
N SER B 55 5.55 6.88 28.13
CA SER B 55 5.61 7.81 27.02
C SER B 55 5.53 7.07 25.65
N PRO B 56 4.69 7.58 24.74
CA PRO B 56 4.50 6.89 23.48
C PRO B 56 5.66 7.02 22.49
N ASN B 57 6.49 8.05 22.70
CA ASN B 57 7.56 8.43 21.79
C ASN B 57 7.04 8.55 20.35
N SER B 58 7.71 7.89 19.41
CA SER B 58 7.35 8.01 18.00
C SER B 58 6.05 7.35 17.60
N THR B 59 5.41 6.54 18.46
CA THR B 59 4.10 5.97 18.10
C THR B 59 3.01 7.04 18.07
N TYR B 60 3.28 8.20 18.66
CA TYR B 60 2.32 9.29 18.70
C TYR B 60 2.26 10.02 17.35
N LYS B 61 3.25 9.75 16.50
CA LYS B 61 3.22 10.27 15.12
C LYS B 61 2.01 9.78 14.31
N ILE B 62 1.50 8.59 14.63
CA ILE B 62 0.21 8.11 14.10
C ILE B 62 -0.86 9.18 14.26
N TYR B 63 -0.92 9.75 15.47
CA TYR B 63 -1.95 10.69 15.84
C TYR B 63 -1.61 12.08 15.31
N LEU B 64 -0.34 12.46 15.32
CA LEU B 64 0.06 13.75 14.72
C LEU B 64 -0.26 13.79 13.22
N ALA B 65 -0.05 12.66 12.53
CA ALA B 65 -0.38 12.51 11.12
C ALA B 65 -1.89 12.72 10.93
N MET B 66 -2.70 12.02 11.74
CA MET B 66 -4.14 12.16 11.75
C MET B 66 -4.63 13.55 12.02
N PHE B 67 -4.05 14.21 13.01
CA PHE B 67 -4.41 15.60 13.36
C PHE B 67 -4.03 16.55 12.23
N GLY B 68 -2.85 16.31 11.64
CA GLY B 68 -2.40 17.06 10.47
C GLY B 68 -3.32 17.03 9.24
N LEU B 69 -3.83 15.84 8.94
CA LEU B 69 -4.77 15.65 7.83
C LEU B 69 -6.11 16.26 8.15
N ASP B 70 -6.60 16.00 9.36
CA ASP B 70 -7.84 16.56 9.87
C ASP B 70 -7.89 18.08 9.79
N ARG B 71 -6.77 18.75 10.09
CA ARG B 71 -6.74 20.21 9.99
C ARG B 71 -6.21 20.77 8.66
N HIS B 72 -6.00 19.89 7.68
CA HIS B 72 -5.49 20.24 6.33
C HIS B 72 -4.10 20.91 6.30
N ILE B 73 -3.26 20.54 7.25
CA ILE B 73 -1.87 21.00 7.31
C ILE B 73 -1.13 20.28 6.18
N ILE B 74 -1.50 19.00 6.01
CA ILE B 74 -1.09 18.15 4.89
C ILE B 74 -2.34 17.49 4.27
N ASN B 75 -2.26 17.07 3.00
CA ASN B 75 -3.35 16.27 2.39
C ASN B 75 -2.93 15.20 1.36
N ASP B 76 -3.89 14.80 0.53
CA ASP B 76 -3.65 13.77 -0.48
C ASP B 76 -2.96 14.27 -1.75
N GLU B 77 -3.08 15.55 -2.10
CA GLU B 77 -2.28 16.06 -3.23
C GLU B 77 -0.86 16.43 -2.78
N ASN B 78 -0.77 17.00 -1.57
CA ASN B 78 0.49 17.52 -1.05
C ASN B 78 0.65 17.28 0.46
N SER B 79 1.56 16.38 0.81
CA SER B 79 1.98 16.23 2.18
C SER B 79 3.49 16.52 2.30
N ARG B 80 4.02 17.24 1.32
CA ARG B 80 5.46 17.45 1.25
C ARG B 80 5.94 18.60 2.14
N MET B 81 7.11 18.41 2.73
CA MET B 81 7.72 19.43 3.58
C MET B 81 9.21 19.51 3.29
N SER B 82 9.70 20.73 3.08
CA SER B 82 11.10 20.90 2.74
C SER B 82 11.99 20.90 4.00
N TRP B 83 13.17 20.35 3.83
CA TRP B 83 14.23 20.30 4.86
C TRP B 83 14.81 21.70 5.08
N ASN B 84 14.99 22.11 6.34
CA ASN B 84 15.45 23.48 6.64
C ASN B 84 16.98 23.71 6.58
N HIS B 85 17.71 22.63 6.30
CA HIS B 85 19.17 22.55 6.12
C HIS B 85 19.95 22.15 7.40
N LYS B 86 19.25 21.95 8.51
CA LYS B 86 19.86 21.38 9.75
C LYS B 86 20.34 19.95 9.55
N HIS B 87 21.62 19.73 9.82
CA HIS B 87 22.22 18.40 9.71
C HIS B 87 21.84 17.48 10.86
N TYR B 88 21.27 16.32 10.53
CA TYR B 88 20.95 15.30 11.51
C TYR B 88 21.91 14.15 11.38
N PRO B 89 22.10 13.33 12.42
CA PRO B 89 23.05 12.23 12.21
C PRO B 89 22.52 11.05 11.35
N PHE B 90 21.29 11.13 10.86
CA PHE B 90 20.75 10.12 9.96
C PHE B 90 20.43 10.78 8.61
N ASP B 91 20.96 10.21 7.53
CA ASP B 91 20.80 10.80 6.19
C ASP B 91 19.38 10.87 5.62
N ALA B 92 18.54 9.92 6.03
CA ALA B 92 17.12 9.90 5.63
C ALA B 92 16.34 11.10 6.15
N TRP B 93 16.86 11.75 7.21
CA TRP B 93 16.27 12.97 7.77
C TRP B 93 16.71 14.25 7.05
N ASN B 94 17.82 14.18 6.33
CA ASN B 94 18.42 15.36 5.71
C ASN B 94 17.94 15.56 4.28
N LYS B 95 16.62 15.49 4.08
CA LYS B 95 16.02 15.68 2.77
C LYS B 95 14.57 16.11 2.97
N GLU B 96 13.96 16.54 1.87
CA GLU B 96 12.53 16.70 1.73
C GLU B 96 11.80 15.42 2.14
N GLN B 97 10.66 15.59 2.80
CA GLN B 97 9.84 14.45 3.21
C GLN B 97 8.42 14.59 2.69
N ASP B 98 7.72 13.45 2.57
CA ASP B 98 6.26 13.46 2.56
C ASP B 98 5.81 12.68 3.79
N LEU B 99 4.51 12.50 3.96
CA LEU B 99 4.05 11.65 5.06
C LEU B 99 4.63 10.23 5.06
N ASN B 100 4.73 9.61 3.87
CA ASN B 100 5.22 8.23 3.73
C ASN B 100 6.70 8.08 4.15
N THR B 101 7.61 8.85 3.55
CA THR B 101 9.02 8.85 3.96
C THR B 101 9.20 9.30 5.43
N ALA B 102 8.46 10.32 5.86
CA ALA B 102 8.55 10.77 7.25
C ALA B 102 8.11 9.72 8.26
N MET B 103 7.02 9.02 7.97
CA MET B 103 6.58 7.92 8.83
C MET B 103 7.55 6.74 8.77
N GLN B 104 7.92 6.34 7.55
CA GLN B 104 8.85 5.19 7.37
C GLN B 104 10.17 5.40 8.11
N ASN B 105 10.71 6.61 7.99
CA ASN B 105 12.02 6.85 8.62
C ASN B 105 11.94 7.59 9.95
N SER B 106 10.73 7.68 10.51
CA SER B 106 10.47 8.34 11.78
C SER B 106 11.17 9.70 11.86
N VAL B 107 10.87 10.61 10.93
CA VAL B 107 11.58 11.89 10.81
C VAL B 107 10.92 12.89 11.74
N ASN B 108 11.61 13.17 12.85
CA ASN B 108 11.02 13.96 13.94
C ASN B 108 10.57 15.34 13.58
N TRP B 109 11.44 16.07 12.86
CA TRP B 109 11.11 17.43 12.51
C TRP B 109 9.84 17.59 11.67
N TYR B 110 9.53 16.60 10.84
CA TYR B 110 8.30 16.61 10.05
C TYR B 110 7.07 16.66 10.97
N PHE B 111 7.03 15.77 11.94
CA PHE B 111 5.88 15.73 12.87
C PHE B 111 5.94 16.87 13.91
N GLU B 112 7.14 17.38 14.21
CA GLU B 112 7.25 18.59 15.03
C GLU B 112 6.72 19.79 14.32
N ARG B 113 6.99 19.89 13.01
CA ARG B 113 6.41 20.98 12.22
C ARG B 113 4.88 20.96 12.21
N ILE B 114 4.31 19.76 12.06
CA ILE B 114 2.86 19.53 12.17
C ILE B 114 2.33 20.01 13.53
N SER B 115 2.93 19.47 14.60
CA SER B 115 2.58 19.79 15.98
C SER B 115 2.63 21.27 16.33
N ASP B 116 3.62 21.99 15.79
CA ASP B 116 3.72 23.45 15.92
C ASP B 116 2.53 24.27 15.35
N GLN B 117 1.73 23.68 14.46
CA GLN B 117 0.57 24.42 13.88
C GLN B 117 -0.77 24.06 14.54
N ILE B 118 -0.71 23.18 15.53
CA ILE B 118 -1.92 22.64 16.13
C ILE B 118 -2.14 23.28 17.49
N PRO B 119 -3.24 24.05 17.65
CA PRO B 119 -3.54 24.70 18.92
C PRO B 119 -3.84 23.70 20.01
N LYS B 120 -3.53 24.10 21.24
CA LYS B 120 -3.60 23.22 22.41
C LYS B 120 -5.01 22.71 22.71
N ASN B 121 -6.02 23.56 22.56
CA ASN B 121 -7.38 23.12 22.84
C ASN B 121 -7.96 22.10 21.84
N TYR B 122 -7.52 22.18 20.57
CA TYR B 122 -7.80 21.10 19.62
C TYR B 122 -7.18 19.78 20.09
N THR B 123 -5.87 19.77 20.37
CA THR B 123 -5.22 18.54 20.86
C THR B 123 -5.88 17.97 22.13
N ALA B 124 -6.20 18.83 23.10
CA ALA B 124 -6.88 18.44 24.35
C ALA B 124 -8.26 17.79 24.12
N THR B 125 -9.06 18.42 23.26
CA THR B 125 -10.33 17.87 22.80
C THR B 125 -10.14 16.50 22.14
N GLN B 126 -9.12 16.36 21.28
CA GLN B 126 -8.94 15.09 20.58
C GLN B 126 -8.53 13.97 21.50
N LEU B 127 -7.60 14.25 22.41
CA LEU B 127 -7.12 13.21 23.33
C LEU B 127 -8.19 12.83 24.35
N LYS B 128 -9.02 13.81 24.74
CA LYS B 128 -10.28 13.56 25.50
C LYS B 128 -11.24 12.64 24.73
N GLN B 129 -11.44 12.90 23.44
CA GLN B 129 -12.35 12.08 22.63
C GLN B 129 -11.77 10.71 22.34
N LEU B 130 -10.45 10.64 22.19
CA LEU B 130 -9.78 9.39 21.89
C LEU B 130 -9.52 8.51 23.12
N ASN B 131 -9.64 9.09 24.32
CA ASN B 131 -9.26 8.47 25.61
C ASN B 131 -7.76 8.10 25.59
N TYR B 132 -6.93 9.06 25.16
CA TYR B 132 -5.51 8.81 24.92
C TYR B 132 -4.73 8.87 26.23
N GLY B 133 -4.57 7.73 26.89
CA GLY B 133 -3.69 7.59 28.05
C GLY B 133 -4.04 8.53 29.18
N ASN B 134 -3.04 9.24 29.72
CA ASN B 134 -3.32 10.20 30.79
C ASN B 134 -3.78 11.56 30.27
N LYS B 135 -3.79 11.72 28.94
CA LYS B 135 -4.19 12.99 28.26
C LYS B 135 -3.39 14.24 28.72
N ASN B 136 -2.19 14.04 29.25
CA ASN B 136 -1.44 15.12 29.89
C ASN B 136 -0.51 15.77 28.87
N LEU B 137 -0.88 16.97 28.47
CA LEU B 137 -0.16 17.74 27.49
C LEU B 137 1.06 18.44 28.06
N GLY B 138 1.12 18.60 29.37
CA GLY B 138 2.25 19.28 30.04
C GLY B 138 2.50 20.71 29.57
N SER B 139 3.71 20.97 29.09
CA SER B 139 4.07 22.30 28.61
C SER B 139 3.70 22.49 27.15
N TYR B 140 3.25 21.40 26.51
CA TYR B 140 2.77 21.35 25.13
C TYR B 140 3.90 21.67 24.13
N LYS B 141 5.08 21.08 24.33
CA LYS B 141 6.18 21.29 23.38
C LYS B 141 6.48 20.01 22.60
N SER B 142 7.42 19.20 23.10
CA SER B 142 7.64 17.89 22.50
C SER B 142 7.05 16.84 23.47
N TYR B 143 5.79 17.06 23.84
CA TYR B 143 5.10 16.42 24.98
C TYR B 143 4.97 14.90 24.88
N TRP B 144 5.13 14.39 23.65
CA TRP B 144 5.13 12.97 23.39
C TRP B 144 6.48 12.27 23.49
N MET B 145 7.56 13.01 23.70
CA MET B 145 8.90 12.42 23.80
C MET B 145 9.40 12.45 25.22
N GLU B 146 9.35 11.30 25.90
CA GLU B 146 9.76 11.13 27.30
C GLU B 146 9.36 12.29 28.19
N ASP B 147 8.07 12.61 28.17
CA ASP B 147 7.60 13.87 28.77
C ASP B 147 6.27 13.58 29.52
N SER B 148 5.33 14.51 29.49
CA SER B 148 4.14 14.46 30.35
C SER B 148 3.12 13.40 29.90
N LEU B 149 3.00 13.22 28.58
CA LEU B 149 2.02 12.32 28.01
C LEU B 149 2.40 10.86 28.09
N LYS B 150 1.48 10.07 28.62
CA LYS B 150 1.75 8.65 28.85
C LYS B 150 0.54 7.81 28.44
N ILE B 151 0.79 6.56 28.02
CA ILE B 151 -0.24 5.67 27.55
C ILE B 151 0.23 4.24 27.83
N SER B 152 -0.71 3.33 28.11
CA SER B 152 -0.36 1.93 28.34
C SER B 152 -0.44 1.12 27.07
N ASN B 153 0.19 -0.06 27.08
CA ASN B 153 0.23 -0.98 25.94
C ASN B 153 -1.17 -1.43 25.64
N LEU B 154 -1.96 -1.77 26.67
CA LEU B 154 -3.37 -2.07 26.51
C LEU B 154 -4.17 -0.96 25.82
N GLU B 155 -3.98 0.27 26.29
CA GLU B 155 -4.62 1.44 25.69
C GLU B 155 -4.14 1.74 24.26
N GLN B 156 -2.91 1.40 23.91
CA GLN B 156 -2.45 1.70 22.54
C GLN B 156 -3.34 0.96 21.55
N VAL B 157 -3.59 -0.30 21.86
CA VAL B 157 -4.46 -1.14 21.08
C VAL B 157 -5.90 -0.63 21.09
N ILE B 158 -6.48 -0.43 22.29
CA ILE B 158 -7.84 0.08 22.39
C ILE B 158 -8.04 1.38 21.60
N VAL B 159 -7.14 2.35 21.77
CA VAL B 159 -7.33 3.71 21.19
C VAL B 159 -7.20 3.71 19.65
N PHE B 160 -6.22 2.96 19.14
CA PHE B 160 -5.97 2.89 17.69
C PHE B 160 -7.14 2.20 16.98
N LYS B 161 -7.59 1.10 17.57
CA LYS B 161 -8.77 0.38 17.07
C LYS B 161 -9.97 1.30 17.01
N ASN B 162 -10.24 1.97 18.13
CA ASN B 162 -11.37 2.89 18.23
C ASN B 162 -11.29 4.09 17.29
N MET B 163 -10.12 4.69 17.11
CA MET B 163 -9.98 5.80 16.15
C MET B 163 -10.22 5.36 14.70
N MET B 164 -9.63 4.22 14.33
CA MET B 164 -9.73 3.71 12.98
C MET B 164 -11.09 3.08 12.68
N GLU B 165 -11.58 2.19 13.55
CA GLU B 165 -12.81 1.44 13.26
C GLU B 165 -14.17 2.10 13.57
N GLN B 166 -14.19 3.18 14.34
CA GLN B 166 -15.45 3.83 14.63
C GLN B 166 -15.77 4.98 13.69
N ASN B 167 -17.07 5.19 13.46
CA ASN B 167 -17.57 6.25 12.56
C ASN B 167 -17.48 7.59 13.28
N ASN B 168 -16.35 8.26 13.19
CA ASN B 168 -16.17 9.45 14.01
C ASN B 168 -15.89 10.73 13.23
N HIS B 169 -15.17 11.64 13.88
CA HIS B 169 -14.80 12.94 13.34
C HIS B 169 -13.78 12.85 12.20
N PHE B 170 -13.06 11.75 12.13
CA PHE B 170 -12.03 11.59 11.12
C PHE B 170 -12.56 10.96 9.84
N SER B 171 -12.28 11.62 8.72
CA SER B 171 -12.72 11.15 7.41
C SER B 171 -11.99 9.87 7.01
N LYS B 172 -12.63 9.10 6.14
CA LYS B 172 -12.10 7.84 5.64
C LYS B 172 -10.86 8.05 4.77
N LYS B 173 -10.81 9.17 4.06
CA LYS B 173 -9.65 9.46 3.21
C LYS B 173 -8.40 9.80 4.03
N ALA B 174 -8.57 10.45 5.20
CA ALA B 174 -7.44 10.69 6.11
C ALA B 174 -6.94 9.39 6.74
N LYS B 175 -7.87 8.52 7.16
CA LYS B 175 -7.54 7.18 7.68
C LYS B 175 -6.82 6.33 6.63
N ASN B 176 -7.27 6.41 5.38
CA ASN B 176 -6.63 5.68 4.29
C ASN B 176 -5.21 6.20 3.97
N GLN B 177 -5.05 7.52 3.96
CA GLN B 177 -3.71 8.08 3.80
C GLN B 177 -2.78 7.69 4.98
N LEU B 178 -3.29 7.73 6.22
CA LEU B 178 -2.55 7.29 7.39
C LEU B 178 -2.19 5.83 7.25
N SER B 179 -3.19 5.02 6.92
CA SER B 179 -2.97 3.63 6.67
C SER B 179 -1.87 3.33 5.63
N SER B 180 -1.95 3.93 4.44
CA SER B 180 -0.85 3.84 3.45
C SER B 180 0.58 4.21 3.96
N SER B 181 0.65 5.18 4.85
CA SER B 181 1.92 5.57 5.42
C SER B 181 2.50 4.55 6.42
N LEU B 182 1.65 3.63 6.89
CA LEU B 182 2.00 2.69 7.97
C LEU B 182 2.21 1.28 7.45
N LEU B 183 1.94 1.06 6.17
CA LEU B 183 2.10 -0.26 5.59
C LEU B 183 3.57 -0.68 5.60
N ILE B 184 3.82 -1.85 6.16
CA ILE B 184 5.17 -2.36 6.23
C ILE B 184 5.31 -3.55 5.32
N LYS B 185 4.33 -4.45 5.35
CA LYS B 185 4.47 -5.68 4.58
C LYS B 185 3.15 -6.06 3.91
N LYS B 186 3.21 -6.59 2.67
CA LYS B 186 2.04 -7.19 2.02
C LYS B 186 2.44 -8.39 1.21
N ASN B 187 1.72 -9.50 1.40
CA ASN B 187 1.84 -10.66 0.53
C ASN B 187 0.47 -11.29 0.34
N GLU B 188 0.44 -12.55 -0.10
CA GLU B 188 -0.81 -13.30 -0.35
C GLU B 188 -1.67 -13.48 0.90
N LYS B 189 -1.02 -13.58 2.05
CA LYS B 189 -1.67 -13.95 3.31
C LYS B 189 -2.08 -12.76 4.16
N TYR B 190 -1.28 -11.68 4.15
CA TYR B 190 -1.52 -10.57 5.08
C TYR B 190 -0.95 -9.24 4.62
N GLU B 191 -1.48 -8.18 5.20
CA GLU B 191 -0.91 -6.86 5.13
C GLU B 191 -0.61 -6.51 6.58
N LEU B 192 0.61 -5.99 6.83
CA LEU B 192 1.01 -5.64 8.18
C LEU B 192 1.33 -4.17 8.20
N TYR B 193 0.74 -3.49 9.18
CA TYR B 193 0.90 -2.08 9.32
C TYR B 193 1.44 -1.80 10.73
N GLY B 194 2.28 -0.77 10.87
CA GLY B 194 2.78 -0.44 12.19
C GLY B 194 3.72 0.73 12.32
N LYS B 195 4.02 1.10 13.57
CA LYS B 195 4.93 2.17 13.89
C LYS B 195 5.73 1.82 15.13
N THR B 196 7.05 1.92 14.96
CA THR B 196 8.02 1.74 16.03
C THR B 196 8.18 3.01 16.86
N GLY B 197 8.60 2.83 18.11
CA GLY B 197 8.85 3.91 19.03
C GLY B 197 10.04 3.53 19.91
N THR B 198 10.97 4.46 20.11
CA THR B 198 12.11 4.20 20.98
C THR B 198 12.39 5.42 21.83
N GLY B 199 12.41 5.23 23.15
CA GLY B 199 12.89 6.26 24.05
C GLY B 199 14.33 5.99 24.41
N ILE B 200 15.16 7.02 24.19
CA ILE B 200 16.56 7.02 24.58
C ILE B 200 16.76 8.01 25.74
N VAL B 201 17.29 7.52 26.86
CA VAL B 201 17.57 8.36 28.03
C VAL B 201 19.01 8.12 28.40
N ASN B 202 19.79 9.21 28.44
CA ASN B 202 21.25 9.20 28.61
C ASN B 202 22.02 8.21 27.74
N GLY B 203 21.66 8.17 26.47
CA GLY B 203 22.31 7.29 25.51
C GLY B 203 21.83 5.84 25.51
N LYS B 204 20.92 5.48 26.42
CA LYS B 204 20.46 4.10 26.53
C LYS B 204 18.98 3.92 26.16
N TYR B 205 18.68 2.78 25.53
CA TYR B 205 17.32 2.35 25.28
C TYR B 205 16.59 2.18 26.59
N ASN B 206 15.41 2.77 26.66
CA ASN B 206 14.66 2.89 27.91
C ASN B 206 13.21 2.37 27.77
N ASN B 207 12.66 2.52 26.56
CA ASN B 207 11.24 2.39 26.27
C ASN B 207 11.14 2.01 24.80
N GLY B 208 10.52 0.87 24.48
CA GLY B 208 10.41 0.45 23.07
C GLY B 208 9.01 0.00 22.72
N TRP B 209 8.50 0.46 21.58
CA TRP B 209 7.15 0.15 21.14
C TRP B 209 7.14 -0.38 19.71
N PHE B 210 6.27 -1.32 19.43
CA PHE B 210 5.75 -1.48 18.06
C PHE B 210 4.24 -1.54 18.15
N VAL B 211 3.55 -0.61 17.52
CA VAL B 211 2.08 -0.53 17.59
C VAL B 211 1.56 -0.66 16.14
N GLY B 212 0.57 -1.52 15.89
CA GLY B 212 -0.05 -1.49 14.56
C GLY B 212 -1.23 -2.41 14.33
N TYR B 213 -1.36 -2.90 13.10
CA TYR B 213 -2.42 -3.85 12.84
C TYR B 213 -2.13 -4.78 11.68
N VAL B 214 -2.74 -5.97 11.68
CA VAL B 214 -2.61 -6.90 10.55
C VAL B 214 -4.00 -7.09 9.90
N ILE B 215 -4.07 -7.06 8.58
CA ILE B 215 -5.26 -7.50 7.85
C ILE B 215 -4.99 -8.87 7.24
N THR B 216 -5.80 -9.87 7.56
CA THR B 216 -5.70 -11.13 6.81
C THR B 216 -6.89 -11.36 5.88
N ASN B 217 -6.99 -12.56 5.32
CA ASN B 217 -8.17 -12.91 4.54
C ASN B 217 -9.38 -13.19 5.44
N HIS B 218 -9.11 -13.39 6.73
CA HIS B 218 -10.11 -13.89 7.65
C HIS B 218 -10.50 -12.88 8.71
N ASP B 219 -9.59 -11.96 9.03
CA ASP B 219 -9.77 -11.10 10.19
C ASP B 219 -8.86 -9.86 10.12
N LYS B 220 -9.12 -8.93 11.04
CA LYS B 220 -8.24 -7.80 11.27
C LYS B 220 -7.76 -7.79 12.75
N TYR B 221 -6.47 -7.59 12.97
CA TYR B 221 -5.92 -7.66 14.32
C TYR B 221 -5.19 -6.38 14.67
N TYR B 222 -5.54 -5.71 15.76
CA TYR B 222 -4.75 -4.57 16.24
C TYR B 222 -3.86 -5.12 17.31
N PHE B 223 -2.65 -4.59 17.42
CA PHE B 223 -1.70 -5.14 18.37
C PHE B 223 -0.66 -4.11 18.80
N ALA B 224 -0.03 -4.41 19.93
CA ALA B 224 1.10 -3.61 20.41
C ALA B 224 2.02 -4.39 21.33
N THR B 225 3.33 -4.27 21.08
CA THR B 225 4.36 -4.77 22.01
C THR B 225 5.03 -3.58 22.66
N HIS B 226 5.11 -3.62 23.99
CA HIS B 226 5.90 -2.67 24.73
C HIS B 226 7.08 -3.36 25.40
N LEU B 227 8.26 -2.73 25.34
CA LEU B 227 9.41 -3.20 26.13
C LEU B 227 9.87 -2.13 27.13
N SER B 228 10.07 -2.55 28.37
CA SER B 228 10.44 -1.64 29.46
C SER B 228 11.86 -1.86 29.94
N ASP B 229 12.42 -3.06 29.69
CA ASP B 229 13.76 -3.41 30.19
C ASP B 229 14.44 -4.49 29.35
N GLY B 230 15.76 -4.58 29.42
CA GLY B 230 16.50 -5.59 28.67
C GLY B 230 17.21 -4.90 27.53
N LYS B 231 16.64 -5.03 26.33
CA LYS B 231 17.06 -4.22 25.17
C LYS B 231 15.82 -3.50 24.61
N PRO B 232 15.32 -2.46 25.33
CA PRO B 232 13.97 -1.98 24.97
C PRO B 232 13.92 -1.00 23.83
N SER B 233 14.23 -1.44 22.61
CA SER B 233 14.15 -0.59 21.43
C SER B 233 12.91 -0.92 20.62
N GLY B 234 12.48 0.04 19.81
CA GLY B 234 11.43 -0.15 18.76
C GLY B 234 11.71 -1.29 17.80
N LYS B 235 12.94 -1.35 17.28
CA LYS B 235 13.41 -2.45 16.42
C LYS B 235 13.22 -3.81 17.10
N ASN B 236 13.62 -3.91 18.38
CA ASN B 236 13.39 -5.12 19.14
C ASN B 236 11.93 -5.38 19.45
N ALA B 237 11.16 -4.33 19.74
CA ALA B 237 9.70 -4.50 19.91
C ALA B 237 9.00 -5.01 18.62
N GLU B 238 9.48 -4.57 17.47
CA GLU B 238 8.99 -5.07 16.18
C GLU B 238 9.31 -6.53 15.94
N LEU B 239 10.55 -6.95 16.22
CA LEU B 239 10.96 -8.35 16.04
C LEU B 239 10.17 -9.34 16.89
N ILE B 240 9.98 -8.97 18.15
CA ILE B 240 9.16 -9.76 19.09
C ILE B 240 7.71 -9.85 18.64
N SER B 241 7.16 -8.72 18.19
CA SER B 241 5.79 -8.67 17.64
C SER B 241 5.63 -9.64 16.51
N GLU B 242 6.54 -9.57 15.54
CA GLU B 242 6.60 -10.50 14.41
C GLU B 242 6.63 -11.94 14.86
N LYS B 243 7.48 -12.25 15.85
CA LYS B 243 7.64 -13.64 16.32
C LYS B 243 6.38 -14.13 17.03
N ILE B 244 5.74 -13.23 17.75
CA ILE B 244 4.50 -13.55 18.44
C ILE B 244 3.36 -13.80 17.46
N LEU B 245 3.18 -12.85 16.54
CA LEU B 245 2.12 -12.93 15.51
C LEU B 245 2.25 -14.19 14.66
N LYS B 246 3.48 -14.57 14.37
CA LYS B 246 3.74 -15.79 13.63
C LYS B 246 3.41 -17.04 14.45
N GLU B 247 3.81 -17.05 15.72
CA GLU B 247 3.58 -18.22 16.59
C GLU B 247 2.09 -18.41 16.80
N MET B 248 1.38 -17.29 16.90
CA MET B 248 -0.08 -17.32 17.04
C MET B 248 -0.87 -17.70 15.80
N GLY B 249 -0.19 -17.75 14.64
CA GLY B 249 -0.84 -18.07 13.39
C GLY B 249 -1.46 -16.89 12.64
N VAL B 250 -1.21 -15.67 13.11
CA VAL B 250 -1.71 -14.46 12.42
C VAL B 250 -1.02 -14.23 11.04
N LEU B 251 0.22 -14.70 10.89
CA LEU B 251 0.99 -14.44 9.68
C LEU B 251 1.12 -15.60 8.67
N ASN B 252 0.42 -16.70 8.93
CA ASN B 252 0.43 -17.83 7.99
C ASN B 252 -0.95 -18.41 7.66
C1 MER C . -9.29 -9.91 -17.68
C2 MER C . -9.31 -13.27 -15.26
C3 MER C . -10.34 -10.99 -17.56
C4 MER C . -10.61 -11.42 -16.08
C5 MER C . -8.59 -12.16 -15.20
O6 MER C . -8.40 -10.16 -18.44
C7 MER C . -11.46 -10.68 -18.59
O8 MER C . -11.53 -9.29 -18.92
C9 MER C . -12.85 -11.21 -18.29
N10 MER C . -9.31 -11.17 -15.49
C11 MER C . -7.14 -11.99 -14.92
O12 MER C . -6.25 -12.54 -15.63
O13 MER C . -6.86 -11.25 -13.94
S14 MER C . -8.82 -14.84 -14.89
C15 MER C . -9.44 -15.57 -13.40
C16 MER C . -9.75 -14.52 -12.33
C17 MER C . -10.86 -15.16 -11.50
C18 MER C . -10.69 -12.93 -15.75
N19 MER C . -11.58 -15.99 -12.45
C20 MER C . -10.99 -13.95 -16.86
C21 MER C . -10.76 -16.33 -13.61
C22 MER C . -11.69 -14.15 -10.75
N23 MER C . -11.71 -14.20 -9.40
O24 MER C . -12.31 -13.31 -11.40
C25 MER C . -12.47 -13.26 -8.58
C26 MER C . -10.96 -15.17 -8.60
C1 GOL D . 0.70 3.33 -35.92
O1 GOL D . -0.28 3.35 -34.88
C2 GOL D . 1.80 2.33 -35.56
O2 GOL D . 2.29 1.66 -36.71
C3 GOL D . 2.96 3.01 -34.86
O3 GOL D . 4.05 2.09 -34.86
C1 GOL E . -8.40 14.17 -9.60
O1 GOL E . -8.25 13.86 -10.96
C2 GOL E . -8.18 15.67 -9.38
O2 GOL E . -8.66 16.41 -10.49
C3 GOL E . -8.95 16.13 -8.16
O3 GOL E . -8.78 17.52 -7.99
C1 MER F . 10.66 7.80 18.07
C2 MER F . 14.01 6.09 16.34
C3 MER F . 12.08 8.32 18.10
C4 MER F . 12.81 8.14 16.73
C5 MER F . 12.72 5.89 16.14
O6 MER F . 10.36 6.88 18.80
C7 MER F . 12.12 9.65 18.88
O8 MER F . 10.82 10.25 19.09
C9 MER F . 13.14 10.67 18.44
N10 MER F . 12.12 6.98 16.18
C11 MER F . 11.96 4.63 15.94
O12 MER F . 11.95 3.74 16.84
O13 MER F . 11.31 4.49 14.86
S14 MER F . 15.27 4.97 16.19
C15 MER F . 16.79 5.36 15.32
C16 MER F . 17.44 4.10 14.73
C17 MER F . 17.75 4.39 13.25
C18 MER F . 14.23 7.52 16.74
N19 MER F . 17.39 5.78 13.07
C20 MER F . 15.03 7.48 18.06
C21 MER F . 16.59 6.34 14.15
C22 MER F . 17.01 3.45 12.31
N23 MER F . 17.48 3.21 11.06
O24 MER F . 15.99 2.92 12.71
C25 MER F . 16.78 2.31 10.13
C26 MER F . 18.69 3.81 10.49
C1 GOL G . -13.68 0.24 24.19
O1 GOL G . -14.72 0.33 23.23
C2 GOL G . -13.64 -1.15 24.80
O2 GOL G . -13.01 -2.09 23.94
C3 GOL G . -12.93 -1.07 26.13
O3 GOL G . -12.92 -2.34 26.73
C1 GOL H . -5.61 -9.18 2.93
O1 GOL H . -6.83 -9.90 2.94
C2 GOL H . -4.91 -9.55 1.63
O2 GOL H . -4.98 -8.45 0.74
C3 GOL H . -3.49 -10.00 1.92
O3 GOL H . -2.53 -9.26 1.21
C1 GOL I . -9.98 28.18 15.07
O1 GOL I . -10.67 28.34 13.84
C2 GOL I . -8.88 27.14 14.92
O2 GOL I . -9.28 26.17 13.97
C3 GOL I . -8.70 26.44 16.25
O3 GOL I . -9.42 25.23 16.22
#